data_6XKI
#
_entry.id   6XKI
#
_cell.length_a   66.785
_cell.length_b   99.942
_cell.length_c   153.663
_cell.angle_alpha   90.000
_cell.angle_beta   90.000
_cell.angle_gamma   90.000
#
_symmetry.space_group_name_H-M   'I 2 2 2'
#
loop_
_entity.id
_entity.type
_entity.pdbx_description
1 polymer 'Eukaryotic initiation factor 4A-I'
2 polymer "RNA (5'-R(*AP*GP*AP*GP*AP*GP*AP*GP*AP*G)-3')"
3 non-polymer 'PHOSPHOAMINOPHOSPHONIC ACID-ADENYLATE ESTER'
4 non-polymer 'MAGNESIUM ION'
5 non-polymer (3S,6Z,8E,11S,15R)-15-amino-3-[(1E,3E,5E)-7-(dimethylamino)-2,5-dimethylhepta-1,3,5-trien-1-yl]-9,11-dimethyl-4,12-dioxa-20-thia-21-azabicyclo[16.2.1]henicosa-1(21),6,8,18-tetraene-5,13-dione
6 water water
#
loop_
_entity_poly.entity_id
_entity_poly.type
_entity_poly.pdbx_seq_one_letter_code
_entity_poly.pdbx_strand_id
1 'polypeptide(L)'
;GPEGVIESNWNEIVDSFDDMNLSESLLRGIYAYGFEKPSAIQQRAILPCIKGYDVIAQAQSGTGKTATFAISILQQIELD
LKATQALVLAPTRELAQQIQKVVMALGDYMGASCHACIGGTNVRAEVQKLQMEAPHIIVGTPGRVFDMLNRRYLSPKYIK
MFVLDEADEMLSRGFKDQIYDIFQKLNSNTQVVLLSATMPSDVLEVTKKFMRDPIRILVKKEELTLEGIRQFYINVEREE
WKLDTLCDLYETLTITQAVIFINTRRKVDWLTEKMHARDFTVSAMHGDMDQKERDVIMREFRSGSSRVLITTDLLARGID
VQQVSLVINYDLPTNRENYIHRIGRGGRFGRKGVAINMVTEEDKRTLRDIETFYNTSIEEMPLNVADLI
;
A
2 'polyribonucleotide' AGAGAGAGAG B
#
# COMPACT_ATOMS: atom_id res chain seq x y z
N GLU A 12 12.71 11.39 20.67
CA GLU A 12 12.09 10.30 19.92
C GLU A 12 10.56 10.39 19.97
N ILE A 13 9.99 10.04 21.12
CA ILE A 13 8.55 9.98 21.26
C ILE A 13 7.95 11.38 21.21
N VAL A 14 6.72 11.47 20.70
CA VAL A 14 5.98 12.72 20.66
C VAL A 14 4.54 12.44 21.11
N ASP A 15 4.03 13.27 22.02
CA ASP A 15 2.69 13.04 22.56
C ASP A 15 1.63 13.17 21.48
N SER A 16 1.63 14.28 20.75
CA SER A 16 0.60 14.56 19.75
C SER A 16 1.21 15.35 18.61
N PHE A 17 0.39 15.58 17.57
CA PHE A 17 0.85 16.34 16.42
C PHE A 17 1.26 17.75 16.81
N ASP A 18 0.55 18.35 17.76
CA ASP A 18 0.85 19.72 18.17
C ASP A 18 2.29 19.87 18.63
N ASP A 19 2.86 18.81 19.22
CA ASP A 19 4.22 18.84 19.76
C ASP A 19 5.27 18.51 18.70
N MET A 20 4.92 18.56 17.42
CA MET A 20 5.85 18.28 16.34
C MET A 20 6.35 19.55 15.65
N ASN A 21 5.90 20.72 16.08
CA ASN A 21 6.31 21.99 15.49
C ASN A 21 5.81 22.11 14.05
N LEU A 22 4.57 21.69 13.82
CA LEU A 22 3.96 21.78 12.51
C LEU A 22 3.23 23.12 12.36
N SER A 23 3.15 23.59 11.12
CA SER A 23 2.49 24.86 10.84
C SER A 23 1.04 24.81 11.31
N GLU A 24 0.52 25.97 11.72
CA GLU A 24 -0.86 26.05 12.17
C GLU A 24 -1.85 25.66 11.09
N SER A 25 -1.46 25.75 9.81
CA SER A 25 -2.34 25.34 8.73
C SER A 25 -2.25 23.85 8.45
N LEU A 26 -1.12 23.22 8.79
CA LEU A 26 -0.98 21.78 8.60
C LEU A 26 -1.73 21.00 9.67
N LEU A 27 -1.58 21.41 10.94
CA LEU A 27 -2.31 20.74 12.01
C LEU A 27 -3.83 20.82 11.80
N ARG A 28 -4.29 21.86 11.10
CA ARG A 28 -5.72 21.98 10.84
C ARG A 28 -6.18 20.93 9.83
N GLY A 29 -5.37 20.67 8.80
CA GLY A 29 -5.71 19.64 7.83
C GLY A 29 -5.57 18.23 8.38
N ILE A 30 -4.66 18.03 9.33
CA ILE A 30 -4.48 16.72 9.96
C ILE A 30 -5.75 16.34 10.72
N TYR A 31 -6.15 17.18 11.67
CA TYR A 31 -7.34 16.91 12.45
C TYR A 31 -8.60 16.93 11.59
N ALA A 32 -8.60 17.73 10.53
CA ALA A 32 -9.75 17.75 9.62
C ALA A 32 -9.90 16.43 8.89
N TYR A 33 -8.81 15.71 8.67
CA TYR A 33 -8.89 14.42 7.99
C TYR A 33 -9.51 13.36 8.89
N GLY A 34 -9.29 13.46 10.19
CA GLY A 34 -9.88 12.53 11.14
C GLY A 34 -8.93 12.07 12.22
N PHE A 35 -7.67 12.49 12.14
CA PHE A 35 -6.68 12.04 13.12
C PHE A 35 -6.89 12.74 14.44
N GLU A 36 -6.39 12.10 15.51
CA GLU A 36 -6.49 12.67 16.85
C GLU A 36 -5.19 12.46 17.61
N LYS A 37 -4.59 11.28 17.47
CA LYS A 37 -3.35 10.95 18.16
C LYS A 37 -2.46 10.18 17.19
N PRO A 38 -1.18 10.55 17.06
CA PRO A 38 -0.30 9.85 16.12
C PRO A 38 -0.13 8.39 16.51
N SER A 39 -0.05 7.53 15.51
CA SER A 39 0.16 6.11 15.74
C SER A 39 1.58 5.86 16.25
N ALA A 40 1.91 4.59 16.45
CA ALA A 40 3.22 4.24 16.99
C ALA A 40 4.34 4.75 16.10
N ILE A 41 4.34 4.33 14.84
CA ILE A 41 5.41 4.74 13.94
C ILE A 41 5.37 6.24 13.71
N GLN A 42 4.17 6.82 13.66
CA GLN A 42 4.06 8.26 13.40
C GLN A 42 4.77 9.07 14.49
N GLN A 43 4.74 8.59 15.73
CA GLN A 43 5.43 9.29 16.80
C GLN A 43 6.95 9.15 16.71
N ARG A 44 7.44 8.16 15.95
CA ARG A 44 8.87 7.86 15.92
C ARG A 44 9.55 8.34 14.64
N ALA A 45 8.84 8.38 13.51
CA ALA A 45 9.46 8.66 12.22
C ALA A 45 9.15 10.04 11.67
N ILE A 46 8.04 10.67 12.08
CA ILE A 46 7.67 11.96 11.48
C ILE A 46 8.75 13.01 11.76
N LEU A 47 9.43 12.92 12.90
CA LEU A 47 10.44 13.93 13.22
C LEU A 47 11.74 13.63 12.48
N PRO A 48 12.27 12.40 12.54
CA PRO A 48 13.46 12.10 11.74
C PRO A 48 13.32 12.47 10.27
N CYS A 49 12.15 12.25 9.68
CA CYS A 49 11.97 12.58 8.27
C CYS A 49 12.01 14.09 8.04
N ILE A 50 11.43 14.86 8.96
CA ILE A 50 11.45 16.32 8.82
C ILE A 50 12.86 16.86 9.07
N LYS A 51 13.64 16.17 9.91
CA LYS A 51 15.00 16.61 10.23
C LYS A 51 15.99 16.35 9.11
N GLY A 52 15.55 15.75 8.00
CA GLY A 52 16.38 15.58 6.83
C GLY A 52 17.19 14.30 6.77
N TYR A 53 16.94 13.35 7.68
CA TYR A 53 17.71 12.12 7.72
C TYR A 53 17.13 11.10 6.76
N ASP A 54 18.00 10.25 6.23
CA ASP A 54 17.55 9.06 5.52
C ASP A 54 16.93 8.08 6.51
N VAL A 55 15.69 7.68 6.25
CA VAL A 55 14.91 6.87 7.19
C VAL A 55 14.50 5.56 6.52
N ILE A 56 14.59 4.47 7.27
CA ILE A 56 14.05 3.17 6.86
C ILE A 56 12.98 2.82 7.89
N ALA A 57 11.73 3.16 7.60
CA ALA A 57 10.64 3.02 8.55
C ALA A 57 9.87 1.73 8.24
N GLN A 58 9.85 0.82 9.20
CA GLN A 58 9.09 -0.43 9.11
C GLN A 58 8.09 -0.49 10.26
N ALA A 59 6.83 -0.80 9.93
CA ALA A 59 5.78 -0.88 10.94
C ALA A 59 4.70 -1.84 10.46
N GLN A 60 3.92 -2.33 11.41
CA GLN A 60 2.85 -3.27 11.08
C GLN A 60 1.90 -2.65 10.05
N SER A 61 1.08 -3.51 9.46
CA SER A 61 0.15 -3.05 8.44
C SER A 61 -0.95 -2.20 9.07
N GLY A 62 -1.40 -1.20 8.31
CA GLY A 62 -2.49 -0.35 8.73
C GLY A 62 -2.20 0.51 9.95
N THR A 63 -0.94 0.91 10.14
CA THR A 63 -0.54 1.73 11.27
C THR A 63 -0.33 3.20 10.89
N GLY A 64 -0.59 3.58 9.65
CA GLY A 64 -0.50 4.97 9.26
C GLY A 64 0.84 5.37 8.66
N LYS A 65 1.45 4.47 7.88
CA LYS A 65 2.72 4.80 7.24
C LYS A 65 2.53 5.79 6.10
N THR A 66 1.36 5.80 5.46
CA THR A 66 1.11 6.76 4.40
C THR A 66 1.17 8.18 4.94
N ALA A 67 0.45 8.45 6.03
CA ALA A 67 0.45 9.78 6.63
C ALA A 67 1.79 10.12 7.28
N THR A 68 2.61 9.13 7.58
CA THR A 68 3.90 9.40 8.19
C THR A 68 4.73 10.33 7.30
N PHE A 69 5.04 9.88 6.08
CA PHE A 69 5.85 10.71 5.19
C PHE A 69 5.05 11.87 4.61
N ALA A 70 3.74 11.69 4.43
CA ALA A 70 2.92 12.80 3.95
C ALA A 70 3.03 14.00 4.87
N ILE A 71 2.96 13.78 6.18
CA ILE A 71 3.18 14.86 7.13
C ILE A 71 4.61 15.36 7.04
N SER A 72 5.57 14.43 6.94
CA SER A 72 6.97 14.82 6.89
C SER A 72 7.26 15.67 5.66
N ILE A 73 6.80 15.23 4.50
CA ILE A 73 7.00 15.99 3.27
C ILE A 73 6.43 17.40 3.42
N LEU A 74 5.14 17.48 3.76
CA LEU A 74 4.44 18.76 3.82
C LEU A 74 5.13 19.77 4.71
N GLN A 75 5.94 19.34 5.68
CA GLN A 75 6.64 20.29 6.53
C GLN A 75 7.83 20.92 5.83
N GLN A 76 8.61 20.12 5.08
CA GLN A 76 9.79 20.64 4.42
C GLN A 76 9.47 21.47 3.19
N ILE A 77 8.30 21.26 2.58
CA ILE A 77 7.95 21.97 1.35
C ILE A 77 7.97 23.47 1.63
N GLU A 78 8.89 24.18 0.99
CA GLU A 78 8.87 25.64 0.99
C GLU A 78 7.80 26.06 -0.01
N LEU A 79 6.57 26.19 0.48
CA LEU A 79 5.43 26.47 -0.39
C LEU A 79 5.68 27.71 -1.25
N ASP A 80 6.48 28.66 -0.77
CA ASP A 80 6.82 29.83 -1.57
C ASP A 80 7.61 29.46 -2.82
N LEU A 81 8.28 28.30 -2.83
CA LEU A 81 9.04 27.84 -3.98
C LEU A 81 8.16 26.91 -4.82
N LYS A 82 7.74 27.38 -6.00
CA LYS A 82 6.81 26.64 -6.84
C LYS A 82 7.58 25.67 -7.75
N ALA A 83 8.10 24.62 -7.13
CA ALA A 83 8.85 23.60 -7.84
C ALA A 83 8.66 22.27 -7.15
N THR A 84 8.98 21.20 -7.87
CA THR A 84 8.89 19.87 -7.29
C THR A 84 10.01 19.66 -6.28
N GLN A 85 9.63 19.36 -5.04
CA GLN A 85 10.59 19.21 -3.96
C GLN A 85 10.58 17.80 -3.34
N ALA A 86 9.54 17.01 -3.59
CA ALA A 86 9.45 15.66 -3.03
C ALA A 86 8.89 14.73 -4.08
N LEU A 87 9.43 13.52 -4.13
CA LEU A 87 9.01 12.49 -5.08
C LEU A 87 8.72 11.21 -4.33
N VAL A 88 7.51 10.67 -4.51
CA VAL A 88 7.07 9.43 -3.86
C VAL A 88 6.73 8.41 -4.93
N LEU A 89 7.24 7.20 -4.78
CA LEU A 89 7.03 6.13 -5.75
C LEU A 89 6.31 4.95 -5.11
N ALA A 90 5.34 4.41 -5.83
CA ALA A 90 4.58 3.26 -5.40
C ALA A 90 4.66 2.16 -6.45
N PRO A 91 4.54 0.89 -6.04
CA PRO A 91 4.62 -0.20 -7.03
C PRO A 91 3.39 -0.29 -7.93
N THR A 92 2.27 0.32 -7.58
CA THR A 92 1.04 0.20 -8.33
C THR A 92 0.40 1.56 -8.54
N ARG A 93 -0.45 1.64 -9.56
CA ARG A 93 -1.14 2.89 -9.85
C ARG A 93 -2.23 3.16 -8.81
N GLU A 94 -3.04 2.14 -8.51
CA GLU A 94 -4.10 2.30 -7.52
C GLU A 94 -3.57 2.86 -6.20
N LEU A 95 -2.39 2.39 -5.77
CA LEU A 95 -1.81 2.90 -4.54
C LEU A 95 -1.34 4.33 -4.69
N ALA A 96 -0.74 4.66 -5.84
CA ALA A 96 -0.30 6.03 -6.08
C ALA A 96 -1.45 7.01 -5.97
N GLN A 97 -2.58 6.70 -6.62
CA GLN A 97 -3.75 7.56 -6.51
C GLN A 97 -4.19 7.69 -5.06
N GLN A 98 -4.19 6.58 -4.32
CA GLN A 98 -4.58 6.61 -2.92
C GLN A 98 -3.64 7.50 -2.11
N ILE A 99 -2.33 7.34 -2.32
CA ILE A 99 -1.35 8.13 -1.57
C ILE A 99 -1.51 9.61 -1.90
N GLN A 100 -1.84 9.92 -3.16
CA GLN A 100 -1.99 11.31 -3.55
C GLN A 100 -3.10 11.99 -2.76
N LYS A 101 -4.22 11.28 -2.56
CA LYS A 101 -5.34 11.89 -1.84
C LYS A 101 -4.98 12.14 -0.38
N VAL A 102 -4.26 11.20 0.25
CA VAL A 102 -3.88 11.38 1.65
C VAL A 102 -3.03 12.63 1.82
N VAL A 103 -2.13 12.87 0.87
CA VAL A 103 -1.27 14.05 0.96
C VAL A 103 -2.10 15.33 0.84
N MET A 104 -2.87 15.44 -0.24
CA MET A 104 -3.70 16.63 -0.43
C MET A 104 -4.64 16.85 0.75
N ALA A 105 -5.16 15.76 1.33
CA ALA A 105 -6.05 15.89 2.47
C ALA A 105 -5.35 16.54 3.65
N LEU A 106 -4.20 15.99 4.03
CA LEU A 106 -3.45 16.55 5.15
C LEU A 106 -2.90 17.94 4.86
N GLY A 107 -2.88 18.38 3.61
CA GLY A 107 -2.42 19.70 3.26
C GLY A 107 -3.47 20.52 2.52
N ASP A 108 -4.72 20.42 2.97
CA ASP A 108 -5.81 21.13 2.31
C ASP A 108 -5.73 22.63 2.57
N TYR A 109 -5.43 23.02 3.81
CA TYR A 109 -5.36 24.43 4.19
C TYR A 109 -3.98 25.03 3.95
N MET A 110 -3.14 24.37 3.16
CA MET A 110 -1.77 24.83 2.90
C MET A 110 -1.55 25.32 1.47
N GLY A 111 -2.39 24.91 0.52
CA GLY A 111 -2.15 25.26 -0.86
C GLY A 111 -1.02 24.51 -1.52
N ALA A 112 -0.50 23.48 -0.85
CA ALA A 112 0.56 22.67 -1.45
C ALA A 112 -0.01 21.78 -2.55
N SER A 113 0.57 21.87 -3.74
CA SER A 113 0.09 21.10 -4.88
C SER A 113 0.77 19.73 -4.91
N CYS A 114 -0.04 18.68 -5.02
CA CYS A 114 0.47 17.31 -5.12
C CYS A 114 -0.17 16.66 -6.35
N HIS A 115 0.67 16.24 -7.30
CA HIS A 115 0.21 15.72 -8.57
C HIS A 115 0.50 14.22 -8.66
N ALA A 116 -0.43 13.48 -9.27
CA ALA A 116 -0.27 12.07 -9.49
C ALA A 116 0.35 11.85 -10.87
N CYS A 117 1.47 11.15 -10.91
CA CYS A 117 2.22 10.91 -12.14
C CYS A 117 2.26 9.41 -12.39
N ILE A 118 1.12 8.87 -12.84
CA ILE A 118 0.94 7.44 -12.98
C ILE A 118 0.62 7.12 -14.44
N GLY A 119 0.64 5.82 -14.76
CA GLY A 119 0.32 5.38 -16.10
C GLY A 119 -1.18 5.29 -16.34
N GLY A 120 -1.53 5.08 -17.60
CA GLY A 120 -2.92 4.98 -18.00
C GLY A 120 -3.71 6.27 -17.91
N THR A 121 -3.07 7.39 -17.56
CA THR A 121 -3.74 8.67 -17.50
C THR A 121 -3.48 9.46 -18.79
N ASN A 122 -4.24 10.54 -18.95
CA ASN A 122 -4.09 11.35 -20.15
C ASN A 122 -2.71 12.03 -20.13
N VAL A 123 -1.89 11.71 -21.14
CA VAL A 123 -0.53 12.23 -21.16
C VAL A 123 -0.55 13.74 -21.39
N ARG A 124 -1.26 14.19 -22.43
CA ARG A 124 -1.31 15.61 -22.74
C ARG A 124 -1.75 16.42 -21.52
N ALA A 125 -2.80 15.96 -20.85
CA ALA A 125 -3.29 16.68 -19.68
C ALA A 125 -2.20 16.85 -18.63
N GLU A 126 -1.43 15.78 -18.39
CA GLU A 126 -0.35 15.86 -17.42
C GLU A 126 0.77 16.77 -17.89
N VAL A 127 1.18 16.62 -19.16
CA VAL A 127 2.23 17.48 -19.70
C VAL A 127 1.82 18.94 -19.60
N GLN A 128 0.55 19.24 -19.86
CA GLN A 128 0.08 20.61 -19.75
C GLN A 128 0.14 21.10 -18.32
N LYS A 129 -0.31 20.28 -17.37
CA LYS A 129 -0.31 20.69 -15.96
C LYS A 129 1.11 20.93 -15.47
N LEU A 130 2.05 20.09 -15.88
CA LEU A 130 3.42 20.24 -15.39
C LEU A 130 4.10 21.47 -15.99
N GLN A 131 3.92 21.69 -17.29
CA GLN A 131 4.49 22.89 -17.91
C GLN A 131 3.88 24.16 -17.35
N MET A 132 2.58 24.12 -17.04
CA MET A 132 1.91 25.28 -16.45
C MET A 132 2.41 25.55 -15.03
N GLU A 133 2.26 24.57 -14.15
CA GLU A 133 2.65 24.68 -12.75
C GLU A 133 3.45 23.45 -12.34
N ALA A 134 4.47 23.66 -11.51
CA ALA A 134 5.30 22.56 -11.01
C ALA A 134 4.77 22.11 -9.66
N PRO A 135 4.15 20.94 -9.56
CA PRO A 135 3.63 20.52 -8.26
C PRO A 135 4.75 20.40 -7.24
N HIS A 136 4.43 20.73 -5.99
CA HIS A 136 5.43 20.61 -4.92
C HIS A 136 5.77 19.15 -4.64
N ILE A 137 4.79 18.26 -4.75
CA ILE A 137 4.96 16.85 -4.43
C ILE A 137 4.47 16.01 -5.60
N ILE A 138 5.31 15.10 -6.09
CA ILE A 138 4.95 14.15 -7.11
C ILE A 138 4.77 12.79 -6.44
N VAL A 139 3.64 12.15 -6.68
CA VAL A 139 3.35 10.81 -6.19
C VAL A 139 2.94 10.00 -7.41
N GLY A 140 3.86 9.21 -7.95
CA GLY A 140 3.59 8.44 -9.14
C GLY A 140 4.26 7.07 -9.10
N THR A 141 4.13 6.36 -10.21
CA THR A 141 4.75 5.06 -10.40
C THR A 141 6.02 5.20 -11.22
N PRO A 142 6.94 4.25 -11.12
CA PRO A 142 8.24 4.42 -11.81
C PRO A 142 8.12 4.69 -13.30
N GLY A 143 7.16 4.07 -13.96
CA GLY A 143 7.03 4.22 -15.40
C GLY A 143 6.79 5.64 -15.85
N ARG A 144 5.64 6.21 -15.50
CA ARG A 144 5.32 7.56 -15.93
C ARG A 144 6.28 8.57 -15.31
N VAL A 145 6.80 8.30 -14.11
CA VAL A 145 7.73 9.22 -13.48
C VAL A 145 9.03 9.30 -14.27
N PHE A 146 9.62 8.15 -14.59
CA PHE A 146 10.85 8.17 -15.37
C PHE A 146 10.62 8.68 -16.78
N ASP A 147 9.42 8.47 -17.32
CA ASP A 147 9.10 9.01 -18.64
C ASP A 147 9.17 10.53 -18.62
N MET A 148 8.43 11.16 -17.70
CA MET A 148 8.41 12.61 -17.64
C MET A 148 9.79 13.18 -17.32
N LEU A 149 10.56 12.49 -16.49
CA LEU A 149 11.93 12.92 -16.24
C LEU A 149 12.75 12.88 -17.52
N ASN A 150 12.51 11.87 -18.37
CA ASN A 150 13.24 11.78 -19.63
C ASN A 150 12.80 12.88 -20.59
N ARG A 151 11.49 13.19 -20.62
CA ARG A 151 11.00 14.29 -21.43
C ARG A 151 11.32 15.65 -20.82
N ARG A 152 11.96 15.67 -19.65
CA ARG A 152 12.33 16.91 -18.97
C ARG A 152 11.11 17.77 -18.65
N TYR A 153 9.94 17.14 -18.50
CA TYR A 153 8.78 17.83 -17.94
C TYR A 153 8.75 17.77 -16.42
N LEU A 154 9.49 16.84 -15.81
CA LEU A 154 9.77 16.85 -14.39
C LEU A 154 11.23 17.22 -14.18
N SER A 155 11.48 18.07 -13.20
CA SER A 155 12.82 18.56 -12.93
C SER A 155 13.29 18.06 -11.58
N PRO A 156 14.40 17.32 -11.50
CA PRO A 156 14.94 16.95 -10.19
C PRO A 156 15.75 18.05 -9.52
N LYS A 157 15.81 19.24 -10.12
CA LYS A 157 16.70 20.29 -9.64
C LYS A 157 16.46 20.59 -8.17
N TYR A 158 15.19 20.70 -7.77
CA TYR A 158 14.84 21.08 -6.40
C TYR A 158 14.25 19.91 -5.63
N ILE A 159 14.27 18.71 -6.18
CA ILE A 159 13.78 17.53 -5.46
C ILE A 159 14.81 17.19 -4.39
N LYS A 160 14.46 17.41 -3.13
CA LYS A 160 15.34 17.13 -2.00
C LYS A 160 14.85 15.97 -1.14
N MET A 161 13.77 15.30 -1.53
CA MET A 161 13.23 14.18 -0.76
C MET A 161 12.69 13.12 -1.71
N PHE A 162 13.07 11.87 -1.46
CA PHE A 162 12.75 10.75 -2.34
C PHE A 162 12.25 9.60 -1.48
N VAL A 163 10.95 9.29 -1.59
CA VAL A 163 10.30 8.30 -0.75
C VAL A 163 9.96 7.07 -1.59
N LEU A 164 10.20 5.89 -1.02
CA LEU A 164 9.86 4.63 -1.65
C LEU A 164 8.90 3.89 -0.72
N ASP A 165 7.61 4.00 -1.01
CA ASP A 165 6.64 3.19 -0.30
C ASP A 165 6.69 1.76 -0.82
N GLU A 166 6.42 0.80 0.07
CA GLU A 166 6.56 -0.61 -0.26
C GLU A 166 7.96 -0.89 -0.79
N ALA A 167 8.96 -0.35 -0.08
CA ALA A 167 10.32 -0.32 -0.59
C ALA A 167 10.80 -1.70 -1.03
N ASP A 168 10.50 -2.74 -0.25
CA ASP A 168 11.00 -4.06 -0.60
C ASP A 168 10.55 -4.47 -1.99
N GLU A 169 9.30 -4.12 -2.35
CA GLU A 169 8.82 -4.41 -3.70
C GLU A 169 9.51 -3.51 -4.72
N MET A 170 9.78 -2.24 -4.35
CA MET A 170 10.41 -1.31 -5.26
C MET A 170 11.88 -1.64 -5.50
N LEU A 171 12.49 -2.42 -4.61
CA LEU A 171 13.89 -2.82 -4.73
C LEU A 171 14.04 -4.31 -5.05
N SER A 172 12.98 -4.95 -5.55
CA SER A 172 13.02 -6.35 -5.93
C SER A 172 13.67 -6.49 -7.32
N ARG A 173 13.65 -7.70 -7.86
CA ARG A 173 14.33 -7.94 -9.12
C ARG A 173 13.79 -7.05 -10.23
N GLY A 174 12.46 -6.86 -10.28
CA GLY A 174 11.86 -6.18 -11.41
C GLY A 174 11.91 -4.66 -11.33
N PHE A 175 11.80 -4.11 -10.13
CA PHE A 175 11.73 -2.68 -9.94
C PHE A 175 13.09 -2.04 -9.65
N LYS A 176 14.09 -2.83 -9.21
CA LYS A 176 15.36 -2.25 -8.83
C LYS A 176 15.93 -1.38 -9.95
N ASP A 177 16.10 -1.96 -11.14
CA ASP A 177 16.68 -1.20 -12.25
C ASP A 177 15.84 0.02 -12.60
N GLN A 178 14.53 -0.03 -12.35
CA GLN A 178 13.67 1.11 -12.62
C GLN A 178 13.90 2.22 -11.60
N ILE A 179 14.04 1.86 -10.32
CA ILE A 179 14.32 2.86 -9.30
C ILE A 179 15.68 3.50 -9.54
N TYR A 180 16.67 2.71 -9.96
CA TYR A 180 18.01 3.26 -10.17
C TYR A 180 18.03 4.24 -11.34
N ASP A 181 17.28 3.96 -12.41
CA ASP A 181 17.21 4.91 -13.51
C ASP A 181 16.65 6.25 -13.03
N ILE A 182 15.71 6.23 -12.09
CA ILE A 182 15.18 7.47 -11.51
C ILE A 182 16.19 8.08 -10.54
N PHE A 183 16.79 7.24 -9.69
CA PHE A 183 17.75 7.74 -8.71
C PHE A 183 18.96 8.38 -9.39
N GLN A 184 19.36 7.87 -10.56
CA GLN A 184 20.51 8.45 -11.26
C GLN A 184 20.28 9.91 -11.63
N LYS A 185 19.02 10.31 -11.83
CA LYS A 185 18.69 11.67 -12.22
C LYS A 185 18.49 12.60 -11.02
N LEU A 186 18.53 12.07 -9.80
CA LEU A 186 18.37 12.88 -8.60
C LEU A 186 19.73 13.38 -8.12
N ASN A 187 19.69 14.44 -7.32
CA ASN A 187 20.92 15.00 -6.80
C ASN A 187 21.53 14.06 -5.76
N SER A 188 22.80 14.33 -5.43
CA SER A 188 23.47 13.53 -4.42
C SER A 188 22.89 13.78 -3.03
N ASN A 189 22.58 15.04 -2.72
CA ASN A 189 22.08 15.41 -1.41
C ASN A 189 20.61 15.04 -1.19
N THR A 190 19.97 14.41 -2.17
CA THR A 190 18.57 14.07 -2.04
C THR A 190 18.37 13.10 -0.89
N GLN A 191 17.40 13.42 -0.02
CA GLN A 191 17.07 12.56 1.10
C GLN A 191 16.24 11.37 0.62
N VAL A 192 16.53 10.20 1.17
CA VAL A 192 15.85 8.97 0.78
C VAL A 192 15.12 8.40 2.00
N VAL A 193 13.85 8.07 1.81
CA VAL A 193 13.03 7.50 2.87
C VAL A 193 12.37 6.23 2.34
N LEU A 194 12.47 5.15 3.11
CA LEU A 194 11.93 3.86 2.73
C LEU A 194 10.85 3.46 3.74
N LEU A 195 9.73 2.95 3.22
CA LEU A 195 8.64 2.47 4.05
C LEU A 195 8.07 1.17 3.48
N SER A 196 7.85 0.20 4.36
CA SER A 196 7.23 -1.07 3.98
C SER A 196 6.98 -1.90 5.23
N ALA A 197 5.84 -2.60 5.25
CA ALA A 197 5.54 -3.48 6.37
C ALA A 197 6.54 -4.61 6.47
N THR A 198 7.17 -4.97 5.36
CA THR A 198 8.17 -6.03 5.33
C THR A 198 9.49 -5.46 4.81
N MET A 199 10.60 -6.02 5.29
CA MET A 199 11.93 -5.54 4.91
C MET A 199 12.91 -6.69 5.03
N PRO A 200 12.91 -7.60 4.05
CA PRO A 200 13.84 -8.74 4.10
C PRO A 200 15.29 -8.30 4.23
N SER A 201 16.11 -9.18 4.80
CA SER A 201 17.53 -8.87 4.96
C SER A 201 18.18 -8.60 3.62
N ASP A 202 17.88 -9.42 2.61
CA ASP A 202 18.46 -9.19 1.29
C ASP A 202 18.14 -7.79 0.78
N VAL A 203 16.99 -7.24 1.14
CA VAL A 203 16.65 -5.89 0.72
C VAL A 203 17.41 -4.85 1.54
N LEU A 204 17.78 -5.18 2.77
CA LEU A 204 18.60 -4.27 3.57
C LEU A 204 20.04 -4.24 3.10
N GLU A 205 20.49 -5.27 2.39
CA GLU A 205 21.87 -5.29 1.92
C GLU A 205 22.10 -4.30 0.78
N VAL A 206 21.06 -4.03 -0.02
CA VAL A 206 21.21 -3.09 -1.13
C VAL A 206 20.99 -1.65 -0.69
N THR A 207 20.29 -1.42 0.42
CA THR A 207 20.15 -0.05 0.91
C THR A 207 21.50 0.54 1.29
N LYS A 208 22.46 -0.31 1.68
CA LYS A 208 23.81 0.16 1.94
C LYS A 208 24.47 0.76 0.71
N LYS A 209 23.94 0.47 -0.48
CA LYS A 209 24.52 0.95 -1.73
C LYS A 209 24.14 2.39 -2.05
N PHE A 210 23.04 2.90 -1.47
CA PHE A 210 22.57 4.23 -1.86
C PHE A 210 21.93 5.02 -0.72
N MET A 211 22.27 4.72 0.53
CA MET A 211 21.74 5.45 1.68
C MET A 211 22.86 5.71 2.68
N ARG A 212 23.01 6.97 3.09
CA ARG A 212 24.08 7.37 4.01
C ARG A 212 23.66 7.05 5.43
N ASP A 213 23.99 5.82 5.86
CA ASP A 213 23.74 5.33 7.21
C ASP A 213 22.43 5.90 7.74
N PRO A 214 21.30 5.33 7.36
CA PRO A 214 20.00 5.91 7.72
C PRO A 214 19.57 5.46 9.11
N ILE A 215 18.41 5.99 9.53
CA ILE A 215 17.79 5.58 10.78
C ILE A 215 17.01 4.31 10.52
N ARG A 216 17.43 3.20 11.15
CA ARG A 216 16.90 1.88 10.86
C ARG A 216 15.86 1.52 11.92
N ILE A 217 14.59 1.80 11.61
CA ILE A 217 13.46 1.43 12.46
C ILE A 217 12.89 0.14 11.88
N LEU A 218 13.39 -1.00 12.35
CA LEU A 218 13.01 -2.31 11.84
C LEU A 218 12.19 -3.08 12.87
N VAL A 219 11.64 -4.21 12.43
CA VAL A 219 10.81 -5.05 13.28
C VAL A 219 11.11 -6.51 12.95
N LYS A 220 11.08 -7.35 13.98
CA LYS A 220 11.33 -8.78 13.80
C LYS A 220 10.13 -9.43 13.13
N LYS A 221 10.42 -10.49 12.34
CA LYS A 221 9.36 -11.16 11.62
C LYS A 221 8.36 -11.82 12.56
N GLU A 222 8.80 -12.24 13.75
CA GLU A 222 7.93 -12.90 14.71
C GLU A 222 6.93 -11.95 15.35
N GLU A 223 6.96 -10.66 15.01
CA GLU A 223 6.08 -9.67 15.61
C GLU A 223 5.32 -8.86 14.56
N LEU A 224 5.29 -9.31 13.30
CA LEU A 224 4.60 -8.57 12.26
C LEU A 224 3.11 -8.86 12.24
N THR A 225 2.71 -10.08 12.58
CA THR A 225 1.31 -10.46 12.54
C THR A 225 0.50 -9.56 13.46
N LEU A 226 -0.48 -8.87 12.89
CA LEU A 226 -1.33 -7.98 13.65
C LEU A 226 -2.20 -8.77 14.63
N GLU A 227 -2.48 -8.14 15.77
CA GLU A 227 -3.32 -8.79 16.78
C GLU A 227 -4.79 -8.66 16.46
N GLY A 228 -5.18 -7.62 15.72
CA GLY A 228 -6.56 -7.40 15.34
C GLY A 228 -7.02 -8.16 14.12
N ILE A 229 -6.12 -8.89 13.46
CA ILE A 229 -6.45 -9.70 12.29
C ILE A 229 -6.40 -11.15 12.72
N ARG A 230 -7.55 -11.82 12.69
CA ARG A 230 -7.64 -13.23 13.00
C ARG A 230 -7.42 -14.04 11.72
N GLN A 231 -6.50 -14.99 11.78
CA GLN A 231 -6.13 -15.80 10.63
C GLN A 231 -6.69 -17.20 10.79
N PHE A 232 -7.34 -17.70 9.75
CA PHE A 232 -7.93 -19.03 9.75
C PHE A 232 -7.56 -19.75 8.45
N TYR A 233 -7.97 -21.01 8.35
CA TYR A 233 -7.75 -21.80 7.14
C TYR A 233 -8.94 -22.74 6.95
N ILE A 234 -9.07 -23.21 5.72
CA ILE A 234 -10.13 -24.15 5.34
C ILE A 234 -9.51 -25.28 4.55
N ASN A 235 -9.80 -26.51 4.96
CA ASN A 235 -9.31 -27.68 4.25
C ASN A 235 -10.14 -27.91 3.00
N VAL A 236 -9.48 -27.90 1.84
CA VAL A 236 -10.16 -28.14 0.57
C VAL A 236 -9.68 -29.41 -0.12
N GLU A 237 -8.52 -29.96 0.25
CA GLU A 237 -8.00 -31.19 -0.32
C GLU A 237 -7.60 -31.01 -1.78
N ARG A 238 -8.57 -30.70 -2.65
CA ARG A 238 -8.34 -30.59 -4.08
C ARG A 238 -8.62 -29.16 -4.54
N GLU A 239 -7.95 -28.77 -5.63
CA GLU A 239 -8.19 -27.45 -6.20
C GLU A 239 -9.62 -27.34 -6.76
N GLU A 240 -10.17 -28.42 -7.28
CA GLU A 240 -11.45 -28.36 -7.98
C GLU A 240 -12.60 -28.01 -7.05
N TRP A 241 -12.41 -28.10 -5.74
CA TRP A 241 -13.46 -27.80 -4.77
C TRP A 241 -13.33 -26.38 -4.19
N LYS A 242 -12.26 -25.65 -4.51
CA LYS A 242 -12.13 -24.29 -4.00
C LYS A 242 -13.32 -23.42 -4.39
N LEU A 243 -13.81 -23.59 -5.62
CA LEU A 243 -14.92 -22.78 -6.09
C LEU A 243 -16.14 -22.93 -5.17
N ASP A 244 -16.65 -24.17 -5.04
CA ASP A 244 -17.84 -24.40 -4.22
C ASP A 244 -17.64 -23.86 -2.81
N THR A 245 -16.45 -24.04 -2.24
CA THR A 245 -16.18 -23.53 -0.91
C THR A 245 -16.37 -22.01 -0.88
N LEU A 246 -15.87 -21.31 -1.89
CA LEU A 246 -16.00 -19.86 -1.93
C LEU A 246 -17.47 -19.45 -1.99
N CYS A 247 -18.26 -20.18 -2.78
CA CYS A 247 -19.68 -19.87 -2.89
C CYS A 247 -20.41 -20.14 -1.59
N ASP A 248 -20.08 -21.23 -0.90
CA ASP A 248 -20.68 -21.50 0.40
C ASP A 248 -20.35 -20.41 1.41
N LEU A 249 -19.29 -19.64 1.17
CA LEU A 249 -18.94 -18.51 2.02
C LEU A 249 -19.59 -17.22 1.57
N TYR A 250 -20.24 -17.20 0.40
CA TYR A 250 -20.64 -15.94 -0.23
C TYR A 250 -21.43 -15.05 0.72
N GLU A 251 -22.54 -15.57 1.24
CA GLU A 251 -23.36 -14.74 2.13
C GLU A 251 -22.60 -14.30 3.37
N THR A 252 -21.53 -15.01 3.74
CA THR A 252 -20.65 -14.53 4.79
C THR A 252 -19.69 -13.46 4.29
N LEU A 253 -19.32 -13.52 3.00
CA LEU A 253 -18.48 -12.48 2.41
C LEU A 253 -19.21 -11.15 2.33
N THR A 254 -20.47 -11.18 1.87
CA THR A 254 -21.26 -9.97 1.71
C THR A 254 -21.67 -9.34 3.04
N ILE A 255 -21.32 -9.96 4.18
CA ILE A 255 -21.55 -9.33 5.48
C ILE A 255 -20.85 -7.98 5.55
N THR A 256 -19.80 -7.78 4.75
CA THR A 256 -19.04 -6.53 4.74
C THR A 256 -18.52 -6.28 3.33
N GLN A 257 -17.20 -6.08 3.19
CA GLN A 257 -16.53 -6.10 1.90
C GLN A 257 -15.31 -7.01 2.03
N ALA A 258 -15.13 -7.88 1.03
CA ALA A 258 -14.08 -8.89 1.09
C ALA A 258 -13.22 -8.80 -0.15
N VAL A 259 -11.96 -9.19 0.00
CA VAL A 259 -10.99 -9.24 -1.09
C VAL A 259 -10.55 -10.68 -1.26
N ILE A 260 -10.67 -11.18 -2.49
CA ILE A 260 -10.26 -12.54 -2.84
C ILE A 260 -9.00 -12.44 -3.68
N PHE A 261 -7.90 -12.98 -3.18
CA PHE A 261 -6.61 -12.88 -3.84
C PHE A 261 -6.35 -14.12 -4.68
N ILE A 262 -5.97 -13.90 -5.95
CA ILE A 262 -5.63 -14.97 -6.89
C ILE A 262 -4.26 -14.68 -7.46
N ASN A 263 -3.49 -15.74 -7.73
CA ASN A 263 -2.08 -15.56 -8.08
C ASN A 263 -1.86 -15.20 -9.54
N THR A 264 -2.88 -15.27 -10.39
CA THR A 264 -2.72 -14.99 -11.81
C THR A 264 -3.93 -14.23 -12.33
N ARG A 265 -3.66 -13.35 -13.31
CA ARG A 265 -4.76 -12.67 -13.99
C ARG A 265 -5.70 -13.67 -14.63
N ARG A 266 -5.15 -14.67 -15.33
CA ARG A 266 -5.97 -15.64 -16.04
C ARG A 266 -6.96 -16.31 -15.10
N LYS A 267 -6.54 -16.62 -13.88
CA LYS A 267 -7.42 -17.29 -12.94
C LYS A 267 -8.46 -16.36 -12.34
N VAL A 268 -8.12 -15.07 -12.17
CA VAL A 268 -9.11 -14.09 -11.71
C VAL A 268 -10.32 -14.09 -12.65
N ASP A 269 -10.06 -14.03 -13.96
CA ASP A 269 -11.16 -14.01 -14.92
C ASP A 269 -11.91 -15.33 -14.94
N TRP A 270 -11.20 -16.44 -14.76
CA TRP A 270 -11.86 -17.74 -14.74
C TRP A 270 -12.84 -17.83 -13.57
N LEU A 271 -12.36 -17.55 -12.35
CA LEU A 271 -13.23 -17.60 -11.18
C LEU A 271 -14.39 -16.63 -11.31
N THR A 272 -14.12 -15.43 -11.82
CA THR A 272 -15.19 -14.43 -11.95
C THR A 272 -16.30 -14.96 -12.84
N GLU A 273 -15.95 -15.43 -14.05
CA GLU A 273 -16.98 -15.92 -14.96
C GLU A 273 -17.68 -17.15 -14.40
N LYS A 274 -17.03 -17.88 -13.50
CA LYS A 274 -17.67 -19.04 -12.91
C LYS A 274 -18.69 -18.63 -11.86
N MET A 275 -18.37 -17.61 -11.05
CA MET A 275 -19.31 -17.15 -10.04
C MET A 275 -20.47 -16.38 -10.66
N HIS A 276 -20.18 -15.59 -11.70
CA HIS A 276 -21.26 -14.94 -12.44
C HIS A 276 -22.23 -15.97 -13.01
N ALA A 277 -21.71 -17.11 -13.48
CA ALA A 277 -22.57 -18.15 -14.02
C ALA A 277 -23.46 -18.76 -12.95
N ARG A 278 -23.14 -18.55 -11.67
CA ARG A 278 -23.95 -19.04 -10.57
C ARG A 278 -24.80 -17.95 -9.93
N ASP A 279 -24.85 -16.77 -10.55
CA ASP A 279 -25.62 -15.63 -10.03
C ASP A 279 -25.05 -15.14 -8.70
N PHE A 280 -23.75 -14.81 -8.73
CA PHE A 280 -23.04 -14.27 -7.58
C PHE A 280 -22.38 -12.95 -7.97
N THR A 281 -22.65 -11.90 -7.21
CA THR A 281 -22.13 -10.57 -7.51
C THR A 281 -20.69 -10.48 -7.03
N VAL A 282 -19.75 -10.44 -7.98
CA VAL A 282 -18.34 -10.30 -7.69
C VAL A 282 -17.70 -9.45 -8.78
N SER A 283 -16.69 -8.67 -8.40
CA SER A 283 -15.95 -7.82 -9.32
C SER A 283 -14.52 -8.34 -9.48
N ALA A 284 -13.99 -8.21 -10.69
CA ALA A 284 -12.64 -8.64 -11.01
C ALA A 284 -11.73 -7.43 -11.20
N MET A 285 -10.44 -7.64 -10.97
CA MET A 285 -9.47 -6.55 -10.94
C MET A 285 -8.08 -7.14 -11.14
N HIS A 286 -7.42 -6.76 -12.23
CA HIS A 286 -6.02 -7.13 -12.43
C HIS A 286 -5.40 -6.14 -13.41
N GLY A 287 -4.13 -6.38 -13.75
CA GLY A 287 -3.35 -5.39 -14.47
C GLY A 287 -3.56 -5.33 -15.96
N ASP A 288 -4.10 -6.40 -16.56
CA ASP A 288 -4.35 -6.40 -17.99
C ASP A 288 -5.63 -5.66 -18.38
N MET A 289 -6.39 -5.18 -17.39
CA MET A 289 -7.59 -4.40 -17.67
C MET A 289 -7.22 -2.96 -18.00
N ASP A 290 -8.06 -2.32 -18.82
CA ASP A 290 -7.85 -0.91 -19.13
C ASP A 290 -7.89 -0.08 -17.86
N GLN A 291 -7.15 1.03 -17.87
CA GLN A 291 -7.07 1.86 -16.68
C GLN A 291 -8.41 2.49 -16.34
N LYS A 292 -9.30 2.65 -17.32
CA LYS A 292 -10.63 3.16 -17.01
C LYS A 292 -11.44 2.11 -16.25
N GLU A 293 -11.28 0.83 -16.61
CA GLU A 293 -11.94 -0.23 -15.85
C GLU A 293 -11.43 -0.26 -14.42
N ARG A 294 -10.11 -0.22 -14.25
CA ARG A 294 -9.53 -0.28 -12.91
C ARG A 294 -10.02 0.86 -12.03
N ASP A 295 -10.11 2.07 -12.59
CA ASP A 295 -10.60 3.22 -11.82
C ASP A 295 -12.06 3.05 -11.44
N VAL A 296 -12.88 2.52 -12.35
CA VAL A 296 -14.28 2.27 -12.04
C VAL A 296 -14.40 1.19 -10.97
N ILE A 297 -13.76 0.04 -11.21
CA ILE A 297 -13.87 -1.07 -10.27
C ILE A 297 -13.47 -0.61 -8.87
N MET A 298 -12.34 0.11 -8.76
CA MET A 298 -11.89 0.56 -7.46
C MET A 298 -12.84 1.60 -6.86
N ARG A 299 -13.49 2.40 -7.71
CA ARG A 299 -14.45 3.37 -7.19
C ARG A 299 -15.66 2.66 -6.61
N GLU A 300 -16.24 1.73 -7.37
CA GLU A 300 -17.40 0.99 -6.89
C GLU A 300 -17.08 0.17 -5.64
N PHE A 301 -15.81 -0.17 -5.43
CA PHE A 301 -15.45 -0.95 -4.25
C PHE A 301 -15.37 -0.06 -3.01
N ARG A 302 -14.76 1.12 -3.13
CA ARG A 302 -14.63 2.02 -1.99
C ARG A 302 -15.99 2.56 -1.56
N SER A 303 -16.87 2.84 -2.53
CA SER A 303 -18.19 3.41 -2.26
C SER A 303 -19.21 2.37 -1.84
N GLY A 304 -18.79 1.15 -1.52
CA GLY A 304 -19.72 0.11 -1.09
C GLY A 304 -20.64 -0.41 -2.17
N SER A 305 -20.56 0.11 -3.40
CA SER A 305 -21.41 -0.41 -4.47
C SER A 305 -21.19 -1.90 -4.67
N SER A 306 -19.94 -2.31 -4.88
CA SER A 306 -19.57 -3.72 -4.95
C SER A 306 -18.98 -4.15 -3.62
N ARG A 307 -19.36 -5.35 -3.17
CA ARG A 307 -18.93 -5.86 -1.87
C ARG A 307 -17.79 -6.85 -1.96
N VAL A 308 -17.80 -7.72 -2.96
CA VAL A 308 -16.78 -8.74 -3.16
C VAL A 308 -15.89 -8.34 -4.33
N LEU A 309 -14.60 -8.57 -4.19
CA LEU A 309 -13.63 -8.22 -5.23
C LEU A 309 -12.63 -9.35 -5.39
N ILE A 310 -12.50 -9.87 -6.60
CA ILE A 310 -11.52 -10.88 -6.94
C ILE A 310 -10.37 -10.18 -7.66
N THR A 311 -9.19 -10.20 -7.04
CA THR A 311 -8.06 -9.44 -7.54
C THR A 311 -6.78 -10.26 -7.42
N THR A 312 -5.73 -9.73 -8.03
CA THR A 312 -4.38 -10.27 -7.96
C THR A 312 -3.59 -9.49 -6.90
N ASP A 313 -2.29 -9.74 -6.85
CA ASP A 313 -1.42 -9.03 -5.90
C ASP A 313 -1.33 -7.55 -6.21
N LEU A 314 -1.99 -7.10 -7.28
CA LEU A 314 -2.06 -5.68 -7.57
C LEU A 314 -2.53 -4.91 -6.34
N LEU A 315 -3.59 -5.41 -5.69
CA LEU A 315 -4.16 -4.78 -4.52
C LEU A 315 -3.69 -5.42 -3.21
N ALA A 316 -2.58 -6.14 -3.25
CA ALA A 316 -2.08 -6.77 -2.04
C ALA A 316 -1.38 -5.79 -1.11
N ARG A 317 -0.77 -4.74 -1.66
CA ARG A 317 0.09 -3.85 -0.90
C ARG A 317 -0.54 -2.46 -0.81
N GLY A 318 -0.72 -1.99 0.42
CA GLY A 318 -1.01 -0.60 0.68
C GLY A 318 -2.44 -0.17 0.46
N ILE A 319 -3.24 -0.92 -0.29
CA ILE A 319 -4.61 -0.50 -0.56
C ILE A 319 -5.39 -0.45 0.74
N ASP A 320 -5.95 0.72 1.05
CA ASP A 320 -6.64 0.97 2.30
C ASP A 320 -8.13 1.15 2.01
N VAL A 321 -8.95 0.22 2.51
CA VAL A 321 -10.40 0.36 2.47
C VAL A 321 -10.94 -0.07 3.83
N GLN A 322 -11.28 0.91 4.66
CA GLN A 322 -11.72 0.60 6.02
C GLN A 322 -12.94 -0.31 6.02
N GLN A 323 -13.82 -0.17 5.04
CA GLN A 323 -14.99 -1.04 4.97
C GLN A 323 -14.60 -2.51 4.86
N VAL A 324 -13.44 -2.78 4.26
CA VAL A 324 -13.00 -4.17 4.11
C VAL A 324 -12.57 -4.71 5.46
N SER A 325 -13.14 -5.87 5.83
CA SER A 325 -12.76 -6.54 7.08
C SER A 325 -12.61 -8.04 6.89
N LEU A 326 -12.48 -8.51 5.65
CA LEU A 326 -12.32 -9.94 5.38
C LEU A 326 -11.44 -10.12 4.15
N VAL A 327 -10.44 -10.97 4.26
CA VAL A 327 -9.50 -11.25 3.17
C VAL A 327 -9.48 -12.76 2.95
N ILE A 328 -9.77 -13.18 1.72
CA ILE A 328 -9.81 -14.59 1.36
C ILE A 328 -8.61 -14.88 0.47
N ASN A 329 -7.81 -15.86 0.85
CA ASN A 329 -6.66 -16.28 0.05
C ASN A 329 -7.05 -17.54 -0.73
N TYR A 330 -7.76 -17.32 -1.84
CA TYR A 330 -8.10 -18.43 -2.73
C TYR A 330 -6.86 -19.23 -3.08
N ASP A 331 -5.79 -18.53 -3.46
CA ASP A 331 -4.48 -19.11 -3.63
C ASP A 331 -3.54 -18.53 -2.58
N LEU A 332 -2.60 -19.34 -2.13
CA LEU A 332 -1.61 -18.81 -1.21
C LEU A 332 -0.51 -18.09 -1.99
N PRO A 333 0.08 -17.05 -1.42
CA PRO A 333 1.09 -16.29 -2.17
C PRO A 333 2.38 -17.08 -2.36
N THR A 334 3.00 -16.92 -3.53
CA THR A 334 4.29 -17.53 -3.84
C THR A 334 5.46 -16.77 -3.25
N ASN A 335 5.19 -15.68 -2.54
CA ASN A 335 6.21 -14.88 -1.89
C ASN A 335 5.90 -14.82 -0.40
N ARG A 336 6.91 -15.11 0.44
CA ARG A 336 6.69 -15.17 1.88
C ARG A 336 6.17 -13.85 2.41
N GLU A 337 6.78 -12.73 2.00
CA GLU A 337 6.43 -11.44 2.56
C GLU A 337 5.05 -10.99 2.10
N ASN A 338 4.64 -11.36 0.89
CA ASN A 338 3.40 -10.85 0.34
C ASN A 338 2.19 -11.30 1.15
N TYR A 339 2.30 -12.39 1.90
CA TYR A 339 1.18 -12.83 2.73
C TYR A 339 0.80 -11.77 3.76
N ILE A 340 1.80 -11.11 4.35
CA ILE A 340 1.52 -10.09 5.34
C ILE A 340 0.67 -8.97 4.74
N HIS A 341 1.09 -8.47 3.57
CA HIS A 341 0.36 -7.37 2.95
C HIS A 341 -1.04 -7.78 2.53
N ARG A 342 -1.21 -9.03 2.11
CA ARG A 342 -2.54 -9.49 1.69
C ARG A 342 -3.55 -9.38 2.83
N ILE A 343 -3.24 -10.00 3.97
CA ILE A 343 -4.17 -9.97 5.10
C ILE A 343 -4.31 -8.55 5.64
N GLY A 344 -3.33 -7.68 5.40
CA GLY A 344 -3.38 -6.33 5.90
C GLY A 344 -4.50 -5.48 5.33
N ARG A 345 -5.19 -5.97 4.29
CA ARG A 345 -6.29 -5.19 3.72
C ARG A 345 -7.50 -5.13 4.64
N GLY A 346 -7.59 -6.04 5.62
CA GLY A 346 -8.66 -6.02 6.60
C GLY A 346 -8.18 -5.55 7.96
N GLY A 347 -9.14 -5.23 8.82
CA GLY A 347 -8.85 -4.73 10.14
C GLY A 347 -7.94 -3.52 10.11
N ARG A 348 -8.40 -2.46 9.46
CA ARG A 348 -7.56 -1.28 9.21
C ARG A 348 -7.43 -0.47 10.49
N PHE A 349 -6.19 -0.33 10.96
CA PHE A 349 -5.89 0.50 12.12
C PHE A 349 -6.74 0.12 13.32
N GLY A 350 -6.37 -0.96 14.01
CA GLY A 350 -7.06 -1.39 15.21
C GLY A 350 -8.40 -2.06 14.98
N ARG A 351 -8.99 -1.92 13.80
CA ARG A 351 -10.25 -2.57 13.52
C ARG A 351 -10.10 -4.08 13.59
N LYS A 352 -11.25 -4.77 13.65
CA LYS A 352 -11.28 -6.22 13.68
C LYS A 352 -11.31 -6.76 12.26
N GLY A 353 -10.35 -7.61 11.92
CA GLY A 353 -10.26 -8.19 10.60
C GLY A 353 -10.08 -9.69 10.68
N VAL A 354 -10.46 -10.35 9.59
CA VAL A 354 -10.39 -11.80 9.48
C VAL A 354 -9.69 -12.15 8.19
N ALA A 355 -8.89 -13.22 8.22
CA ALA A 355 -8.20 -13.74 7.06
C ALA A 355 -8.42 -15.24 7.00
N ILE A 356 -8.85 -15.73 5.84
CA ILE A 356 -9.16 -17.14 5.63
C ILE A 356 -8.30 -17.66 4.48
N ASN A 357 -7.57 -18.74 4.72
CA ASN A 357 -6.66 -19.33 3.76
C ASN A 357 -7.22 -20.66 3.26
N MET A 358 -7.55 -20.72 1.98
CA MET A 358 -8.06 -21.96 1.38
C MET A 358 -6.85 -22.80 0.98
N VAL A 359 -6.58 -23.84 1.77
CA VAL A 359 -5.39 -24.67 1.61
C VAL A 359 -5.81 -26.05 1.16
N THR A 360 -5.09 -26.59 0.19
CA THR A 360 -5.25 -27.98 -0.22
C THR A 360 -4.27 -28.84 0.58
N GLU A 361 -4.12 -30.10 0.18
CA GLU A 361 -3.17 -30.97 0.86
C GLU A 361 -1.75 -30.59 0.49
N GLU A 362 -1.48 -30.42 -0.81
CA GLU A 362 -0.15 -30.01 -1.26
C GLU A 362 0.20 -28.60 -0.81
N ASP A 363 -0.80 -27.77 -0.51
CA ASP A 363 -0.55 -26.41 -0.05
C ASP A 363 -0.37 -26.33 1.46
N LYS A 364 -0.82 -27.34 2.21
CA LYS A 364 -0.61 -27.32 3.64
C LYS A 364 0.88 -27.28 3.97
N ARG A 365 1.73 -27.88 3.12
CA ARG A 365 3.17 -27.79 3.31
C ARG A 365 3.61 -26.33 3.41
N THR A 366 3.06 -25.48 2.54
CA THR A 366 3.45 -24.07 2.54
C THR A 366 2.99 -23.36 3.80
N LEU A 367 1.78 -23.67 4.26
CA LEU A 367 1.22 -22.92 5.38
C LEU A 367 2.06 -23.08 6.65
N ARG A 368 2.72 -24.24 6.82
CA ARG A 368 3.57 -24.43 7.99
C ARG A 368 4.69 -23.40 8.02
N ASP A 369 5.31 -23.13 6.86
CA ASP A 369 6.40 -22.16 6.79
C ASP A 369 5.93 -20.79 7.29
N ILE A 370 4.74 -20.37 6.88
CA ILE A 370 4.24 -19.07 7.31
C ILE A 370 4.09 -19.03 8.83
N GLU A 371 3.50 -20.08 9.40
CA GLU A 371 3.30 -20.12 10.85
C GLU A 371 4.64 -20.06 11.59
N THR A 372 5.59 -20.90 11.19
CA THR A 372 6.88 -20.93 11.88
C THR A 372 7.71 -19.69 11.58
N PHE A 373 7.57 -19.14 10.37
CA PHE A 373 8.36 -17.96 10.01
C PHE A 373 7.97 -16.76 10.86
N TYR A 374 6.70 -16.38 10.84
CA TYR A 374 6.21 -15.25 11.64
C TYR A 374 5.84 -15.65 13.05
N ASN A 375 6.03 -16.91 13.42
CA ASN A 375 5.62 -17.42 14.73
C ASN A 375 4.18 -17.00 15.04
N THR A 376 3.27 -17.60 14.28
CA THR A 376 1.85 -17.35 14.44
C THR A 376 1.09 -18.64 14.12
N SER A 377 0.08 -18.93 14.93
CA SER A 377 -0.77 -20.10 14.70
C SER A 377 -2.01 -19.67 13.93
N ILE A 378 -2.39 -20.49 12.96
CA ILE A 378 -3.56 -20.24 12.13
C ILE A 378 -4.51 -21.41 12.35
N GLU A 379 -5.56 -21.18 13.12
CA GLU A 379 -6.49 -22.22 13.53
C GLU A 379 -7.67 -22.30 12.56
N GLU A 380 -8.30 -23.47 12.52
CA GLU A 380 -9.41 -23.70 11.59
C GLU A 380 -10.57 -22.76 11.90
N MET A 381 -11.40 -22.53 10.89
CA MET A 381 -12.47 -21.56 11.01
C MET A 381 -13.67 -22.17 11.74
N PRO A 382 -14.32 -21.42 12.66
CA PRO A 382 -15.55 -21.93 13.28
C PRO A 382 -16.81 -21.55 12.52
N LEU A 383 -17.97 -21.83 13.08
CA LEU A 383 -19.24 -21.43 12.46
C LEU A 383 -19.73 -20.08 12.96
N ASN A 384 -19.21 -19.59 14.09
CA ASN A 384 -19.57 -18.29 14.64
C ASN A 384 -18.69 -17.17 14.09
N VAL A 385 -18.06 -17.37 12.93
CA VAL A 385 -17.18 -16.35 12.36
C VAL A 385 -17.94 -15.16 11.80
N ALA A 386 -19.22 -15.34 11.44
CA ALA A 386 -20.00 -14.23 10.91
C ALA A 386 -20.06 -13.06 11.89
N ASP A 387 -19.94 -13.34 13.18
CA ASP A 387 -19.96 -12.29 14.20
C ASP A 387 -18.60 -11.63 14.39
N LEU A 388 -17.52 -12.28 13.97
CA LEU A 388 -16.18 -11.70 14.10
C LEU A 388 -15.86 -10.72 12.98
N ILE A 389 -16.55 -10.80 11.85
CA ILE A 389 -16.32 -9.89 10.74
C ILE A 389 -16.55 -8.45 11.21
#